data_9H5J
#
_entry.id   9H5J
#
_entity_poly.entity_id   1
_entity_poly.type   'polypeptide(L)'
_entity_poly.pdbx_seq_one_letter_code
;MAEPRQEFEVMEDHAGTYGLGDRKDQGGYTMHQDQEGDTDAGLKAEEAGIGDTPSLEDEAAGHVTQARMVSKSKDGTGSD
DKKAKGADGKTKIATPRGAAPPGQKGQANATRIPAKTPPAPKDPPSSGEPPKSGDRSGYSSPGDPGDPGSRSRDPDLPDP
PTREPKKVAVVRDPPKDPSSAKSRLQTAPVPMPDLKNVKSKIGSTENLKHQPGGGKVQIVYKPVDLSKVTSKCGSLGNIH
HKPGGGQVEVKSEKLDFKDRVQSKIGSLDNITHVPGGGNKKIETHKLTFRENAKAKTDHGAEIVYKDPVVDGDDDPRHLS
NVSSTGSIDMVDSPQLATLADEVSASLAKQGL
;
_entity_poly.pdbx_strand_id   A,B,C,D,E,F
#
# COMPACT_ATOMS: atom_id res chain seq x y z
N GLN A 218 25.64 47.90 36.01
CA GLN A 218 26.05 48.28 34.66
C GLN A 218 26.16 47.05 33.73
N ILE A 219 25.17 46.85 32.86
CA ILE A 219 25.20 45.81 31.82
C ILE A 219 25.31 46.50 30.45
N VAL A 220 26.33 46.13 29.67
CA VAL A 220 26.44 46.49 28.25
C VAL A 220 26.24 45.23 27.40
N TYR A 221 25.03 45.04 26.88
CA TYR A 221 24.65 43.88 26.07
C TYR A 221 24.68 44.28 24.59
N LYS A 222 25.80 43.98 23.90
CA LYS A 222 26.04 44.48 22.53
C LYS A 222 26.62 43.40 21.60
N PRO A 223 25.95 42.25 21.41
CA PRO A 223 26.39 41.22 20.46
C PRO A 223 26.44 41.79 19.03
N VAL A 224 27.43 41.42 18.23
CA VAL A 224 27.55 41.82 16.82
C VAL A 224 27.52 40.61 15.89
N ASP A 225 26.58 40.58 14.96
CA ASP A 225 26.49 39.57 13.90
C ASP A 225 26.70 40.19 12.52
N LEU A 226 27.65 39.66 11.77
CA LEU A 226 28.01 40.05 10.40
C LEU A 226 28.08 38.82 9.47
N SER A 227 27.61 37.66 9.94
CA SER A 227 27.72 36.35 9.27
C SER A 227 26.82 36.21 8.01
N LYS A 228 27.05 35.17 7.19
CA LYS A 228 26.29 34.90 5.94
C LYS A 228 25.90 33.42 5.79
N VAL A 229 24.74 33.16 5.17
CA VAL A 229 24.31 31.82 4.73
C VAL A 229 23.90 31.89 3.26
N THR A 230 24.48 31.06 2.39
CA THR A 230 24.44 31.27 0.92
C THR A 230 24.37 29.96 0.14
N SER A 231 23.79 29.95 -1.07
CA SER A 231 23.89 28.80 -2.00
C SER A 231 23.83 29.19 -3.47
N LYS A 232 24.42 28.34 -4.32
CA LYS A 232 24.17 28.26 -5.75
C LYS A 232 23.83 26.84 -6.16
N CYS A 233 22.83 26.69 -7.01
CA CYS A 233 22.44 25.43 -7.63
C CYS A 233 22.27 25.66 -9.14
N GLY A 234 22.94 24.89 -9.98
CA GLY A 234 23.01 25.15 -11.42
C GLY A 234 21.71 24.87 -12.19
N SER A 235 20.96 23.85 -11.76
CA SER A 235 19.67 23.45 -12.30
C SER A 235 19.00 22.47 -11.33
N LEU A 236 17.71 22.65 -11.07
CA LEU A 236 16.95 21.86 -10.10
C LEU A 236 15.66 21.32 -10.74
N GLY A 237 15.49 20.00 -10.86
CA GLY A 237 14.32 19.41 -11.54
C GLY A 237 14.37 17.90 -11.74
N ASN A 238 13.42 17.35 -12.51
CA ASN A 238 13.24 15.91 -12.77
C ASN A 238 13.06 15.09 -11.47
N ILE A 239 12.10 15.51 -10.65
CA ILE A 239 11.75 14.91 -9.36
C ILE A 239 10.34 14.29 -9.45
N HIS A 240 10.18 13.01 -9.13
CA HIS A 240 8.92 12.28 -9.21
C HIS A 240 8.53 11.70 -7.85
N HIS A 241 7.38 12.08 -7.29
CA HIS A 241 6.85 11.54 -6.03
C HIS A 241 5.50 10.86 -6.28
N LYS A 242 5.42 9.53 -6.09
CA LYS A 242 4.32 8.67 -6.56
C LYS A 242 3.90 7.64 -5.50
N PRO A 243 3.11 8.02 -4.48
CA PRO A 243 2.65 7.11 -3.42
C PRO A 243 1.49 6.18 -3.83
N GLY A 244 1.52 4.94 -3.35
CA GLY A 244 0.56 3.87 -3.66
C GLY A 244 -0.51 3.63 -2.60
N GLY A 245 -1.20 4.66 -2.13
CA GLY A 245 -2.33 4.54 -1.21
C GLY A 245 -1.94 4.15 0.22
N GLY A 246 -2.71 3.29 0.86
CA GLY A 246 -2.53 2.86 2.25
C GLY A 246 -3.81 2.95 3.09
N GLN A 247 -3.76 2.51 4.34
CA GLN A 247 -4.92 2.54 5.23
C GLN A 247 -4.57 2.85 6.69
N VAL A 248 -5.37 3.69 7.36
CA VAL A 248 -5.15 4.10 8.75
C VAL A 248 -6.46 4.04 9.55
N GLU A 249 -6.43 3.48 10.75
CA GLU A 249 -7.57 3.44 11.67
C GLU A 249 -7.15 3.80 13.10
N VAL A 250 -7.91 4.65 13.79
CA VAL A 250 -7.66 5.05 15.19
C VAL A 250 -8.96 5.02 16.00
N LYS A 251 -8.92 4.51 17.23
CA LYS A 251 -10.07 4.46 18.16
C LYS A 251 -9.71 5.02 19.54
N SER A 252 -10.58 5.85 20.11
CA SER A 252 -10.48 6.44 21.46
C SER A 252 -11.86 6.60 22.11
N GLU A 253 -11.97 6.55 23.44
CA GLU A 253 -13.21 6.93 24.13
C GLU A 253 -13.23 8.42 24.48
N LYS A 254 -12.13 8.99 25.00
CA LYS A 254 -12.06 10.40 25.43
C LYS A 254 -10.75 11.10 25.10
N LEU A 255 -10.82 12.40 24.82
CA LEU A 255 -9.71 13.31 24.58
C LEU A 255 -9.85 14.52 25.50
N ASP A 256 -8.78 14.95 26.17
CA ASP A 256 -8.79 16.15 27.00
C ASP A 256 -7.45 16.89 26.90
N PHE A 257 -7.40 17.96 26.10
CA PHE A 257 -6.17 18.71 25.81
C PHE A 257 -6.23 20.12 26.41
N LYS A 258 -5.22 20.53 27.18
CA LYS A 258 -5.15 21.86 27.81
C LYS A 258 -3.78 22.50 27.63
N ASP A 259 -3.78 23.81 27.42
CA ASP A 259 -2.59 24.67 27.56
C ASP A 259 -1.40 24.29 26.65
N ARG A 260 -1.35 24.88 25.45
CA ARG A 260 -0.25 24.70 24.48
C ARG A 260 -0.07 23.24 24.07
N VAL A 261 -1.11 22.65 23.49
CA VAL A 261 -1.08 21.32 22.88
C VAL A 261 -1.11 21.44 21.36
N GLN A 262 -0.19 20.78 20.68
CA GLN A 262 -0.21 20.58 19.23
C GLN A 262 -0.38 19.08 18.95
N SER A 263 -1.46 18.70 18.27
CA SER A 263 -1.85 17.29 18.11
C SER A 263 -2.21 16.95 16.67
N LYS A 264 -1.98 15.70 16.26
CA LYS A 264 -2.30 15.15 14.95
C LYS A 264 -2.68 13.68 15.11
N ILE A 265 -3.95 13.34 14.86
CA ILE A 265 -4.50 12.00 15.05
C ILE A 265 -5.07 11.48 13.73
N GLY A 266 -4.62 10.31 13.26
CA GLY A 266 -5.14 9.65 12.06
C GLY A 266 -4.87 10.38 10.75
N SER A 267 -3.67 10.28 10.18
CA SER A 267 -3.28 10.98 8.94
C SER A 267 -2.73 10.07 7.85
N LEU A 268 -2.93 10.46 6.60
CA LEU A 268 -2.27 9.90 5.42
C LEU A 268 -1.86 11.05 4.51
N ASP A 269 -0.73 11.69 4.81
CA ASP A 269 -0.29 12.94 4.17
C ASP A 269 0.91 12.75 3.26
N ASN A 270 0.86 13.33 2.05
CA ASN A 270 1.95 13.33 1.08
C ASN A 270 2.44 14.76 0.85
N ILE A 271 3.75 15.01 0.96
CA ILE A 271 4.36 16.34 0.78
C ILE A 271 5.48 16.26 -0.26
N THR A 272 5.51 17.19 -1.22
CA THR A 272 6.68 17.42 -2.09
C THR A 272 7.15 18.86 -1.92
N HIS A 273 8.41 19.07 -1.55
CA HIS A 273 8.95 20.38 -1.20
C HIS A 273 10.29 20.63 -1.88
N VAL A 274 10.33 21.53 -2.85
CA VAL A 274 11.49 21.77 -3.72
C VAL A 274 11.80 23.26 -3.79
N PRO A 275 12.29 23.90 -2.72
CA PRO A 275 12.68 25.31 -2.75
C PRO A 275 14.01 25.52 -3.48
N GLY A 276 14.14 26.58 -4.26
CA GLY A 276 15.37 26.92 -4.97
C GLY A 276 16.55 27.31 -4.08
N GLY A 277 16.27 27.74 -2.84
CA GLY A 277 17.26 27.97 -1.79
C GLY A 277 16.99 27.10 -0.57
N GLY A 278 15.99 27.46 0.23
CA GLY A 278 15.59 26.70 1.41
C GLY A 278 16.57 26.77 2.58
N ASN A 279 17.46 27.76 2.58
CA ASN A 279 18.40 28.03 3.66
C ASN A 279 17.69 28.65 4.87
N LYS A 280 18.16 28.36 6.09
CA LYS A 280 17.58 28.85 7.36
C LYS A 280 18.63 29.48 8.27
N LYS A 281 18.24 30.54 8.96
CA LYS A 281 19.00 31.21 10.01
C LYS A 281 18.06 31.50 11.18
N ILE A 282 18.45 31.14 12.41
CA ILE A 282 17.65 31.33 13.62
C ILE A 282 18.51 32.00 14.68
N GLU A 283 17.98 33.04 15.31
CA GLU A 283 18.63 33.87 16.31
C GLU A 283 17.74 33.98 17.55
N THR A 284 18.32 34.11 18.74
CA THR A 284 17.59 34.29 20.00
C THR A 284 18.50 35.01 20.99
N HIS A 285 18.09 36.21 21.40
CA HIS A 285 18.76 37.02 22.42
C HIS A 285 17.88 37.12 23.66
N LYS A 286 18.41 36.83 24.85
CA LYS A 286 17.69 37.01 26.12
C LYS A 286 18.57 37.60 27.21
N LEU A 287 17.99 38.49 28.02
CA LEU A 287 18.58 39.10 29.21
C LEU A 287 17.54 39.10 30.35
N THR A 288 17.91 38.59 31.53
CA THR A 288 16.99 38.36 32.66
C THR A 288 17.56 38.84 33.99
N PHE A 289 16.74 39.49 34.81
CA PHE A 289 17.02 39.85 36.21
C PHE A 289 16.08 39.14 37.17
N GLN B 218 34.21 43.12 37.48
CA GLN B 218 34.25 43.40 36.05
C GLN B 218 34.29 42.09 35.23
N ILE B 219 33.40 41.95 34.25
CA ILE B 219 33.36 40.80 33.32
C ILE B 219 33.33 41.29 31.87
N VAL B 220 34.19 40.73 31.02
CA VAL B 220 34.32 41.06 29.59
C VAL B 220 34.14 39.82 28.73
N TYR B 221 32.88 39.47 28.47
CA TYR B 221 32.52 38.29 27.68
C TYR B 221 32.55 38.65 26.19
N LYS B 222 33.66 38.31 25.50
CA LYS B 222 33.96 38.82 24.15
C LYS B 222 34.57 37.74 23.22
N PRO B 223 33.92 36.59 23.02
CA PRO B 223 34.35 35.61 22.02
C PRO B 223 34.25 36.15 20.59
N VAL B 224 35.08 35.65 19.68
CA VAL B 224 35.09 36.02 18.26
C VAL B 224 35.02 34.77 17.38
N ASP B 225 34.13 34.74 16.40
CA ASP B 225 33.97 33.62 15.46
C ASP B 225 34.23 34.08 14.01
N LEU B 226 35.16 33.40 13.34
CA LEU B 226 35.65 33.63 11.98
C LEU B 226 35.53 32.37 11.10
N SER B 227 34.86 31.34 11.60
CA SER B 227 34.79 30.00 11.00
C SER B 227 34.07 29.93 9.64
N LYS B 228 34.34 28.85 8.89
CA LYS B 228 33.70 28.57 7.59
C LYS B 228 33.14 27.15 7.63
N VAL B 229 31.94 26.93 7.07
CA VAL B 229 31.43 25.59 6.74
C VAL B 229 31.01 25.61 5.28
N THR B 230 31.55 24.72 4.44
CA THR B 230 31.47 24.83 2.98
C THR B 230 31.37 23.46 2.30
N SER B 231 30.75 23.40 1.12
CA SER B 231 30.74 22.21 0.26
C SER B 231 30.71 22.60 -1.21
N LYS B 232 31.26 21.74 -2.06
CA LYS B 232 31.11 21.75 -3.52
C LYS B 232 30.70 20.37 -3.98
N CYS B 233 29.72 20.27 -4.87
CA CYS B 233 29.27 19.02 -5.47
C CYS B 233 29.06 19.17 -6.99
N GLY B 234 29.65 18.32 -7.81
CA GLY B 234 29.65 18.49 -9.26
C GLY B 234 28.31 18.15 -9.93
N SER B 235 27.61 17.14 -9.42
CA SER B 235 26.27 16.72 -9.84
C SER B 235 25.68 15.78 -8.79
N LEU B 236 24.40 15.92 -8.45
CA LEU B 236 23.73 15.14 -7.42
C LEU B 236 22.40 14.61 -7.96
N GLY B 237 22.25 13.29 -8.08
CA GLY B 237 21.06 12.71 -8.69
C GLY B 237 21.12 11.22 -8.97
N ASN B 238 20.13 10.72 -9.73
CA ASN B 238 19.86 9.30 -9.98
C ASN B 238 19.61 8.54 -8.66
N ILE B 239 18.65 9.02 -7.87
CA ILE B 239 18.32 8.48 -6.55
C ILE B 239 16.91 7.88 -6.59
N HIS B 240 16.78 6.62 -6.18
CA HIS B 240 15.52 5.88 -6.17
C HIS B 240 15.19 5.41 -4.77
N HIS B 241 14.05 5.81 -4.20
CA HIS B 241 13.56 5.32 -2.92
C HIS B 241 12.20 4.63 -3.11
N LYS B 242 12.15 3.32 -2.87
CA LYS B 242 11.03 2.45 -3.28
C LYS B 242 10.61 1.51 -2.13
N PRO B 243 9.91 2.02 -1.09
CA PRO B 243 9.47 1.20 0.04
C PRO B 243 8.32 0.23 -0.27
N GLY B 244 8.35 -0.97 0.30
CA GLY B 244 7.41 -2.06 0.02
C GLY B 244 6.28 -2.26 1.04
N GLY B 245 5.65 -1.20 1.53
CA GLY B 245 4.50 -1.26 2.45
C GLY B 245 4.85 -1.72 3.87
N GLY B 246 3.98 -2.50 4.50
CA GLY B 246 4.14 -2.98 5.88
C GLY B 246 2.90 -2.80 6.75
N GLN B 247 2.97 -3.24 8.01
CA GLN B 247 1.83 -3.20 8.93
C GLN B 247 2.23 -2.84 10.36
N VAL B 248 1.47 -1.96 11.02
CA VAL B 248 1.71 -1.49 12.40
C VAL B 248 0.42 -1.55 13.21
N GLU B 249 0.48 -2.06 14.44
CA GLU B 249 -0.62 -2.07 15.40
C GLU B 249 -0.15 -1.63 16.80
N VAL B 250 -0.89 -0.73 17.44
CA VAL B 250 -0.61 -0.27 18.82
C VAL B 250 -1.88 -0.27 19.66
N LYS B 251 -1.79 -0.74 20.91
CA LYS B 251 -2.89 -0.80 21.88
C LYS B 251 -2.46 -0.17 23.20
N SER B 252 -3.31 0.67 23.78
CA SER B 252 -3.08 1.38 25.05
C SER B 252 -4.38 1.46 25.87
N GLU B 253 -4.28 1.60 27.18
CA GLU B 253 -5.46 1.95 28.02
C GLU B 253 -5.57 3.47 28.19
N LYS B 254 -4.53 4.12 28.71
CA LYS B 254 -4.52 5.55 29.05
C LYS B 254 -3.19 6.18 28.67
N LEU B 255 -3.22 7.38 28.08
CA LEU B 255 -2.03 8.22 27.88
C LEU B 255 -2.22 9.56 28.58
N ASP B 256 -1.19 9.99 29.29
CA ASP B 256 -1.24 11.11 30.23
C ASP B 256 0.09 11.89 30.20
N PHE B 257 0.14 12.96 29.41
CA PHE B 257 1.36 13.71 29.08
C PHE B 257 1.33 15.11 29.68
N LYS B 258 2.39 15.51 30.39
CA LYS B 258 2.54 16.84 31.01
C LYS B 258 3.90 17.46 30.72
N ASP B 259 3.97 18.76 30.53
CA ASP B 259 5.19 19.58 30.62
C ASP B 259 6.33 19.16 29.66
N ARG B 260 6.34 19.72 28.44
CA ARG B 260 7.39 19.52 27.41
C ARG B 260 7.56 18.05 26.99
N VAL B 261 6.47 17.44 26.50
CA VAL B 261 6.49 16.09 25.91
C VAL B 261 6.42 16.16 24.39
N GLN B 262 7.32 15.47 23.70
CA GLN B 262 7.24 15.22 22.26
C GLN B 262 7.04 13.73 22.01
N SER B 263 5.94 13.33 21.37
CA SER B 263 5.51 11.93 21.27
C SER B 263 5.07 11.54 19.86
N LYS B 264 5.40 10.32 19.43
CA LYS B 264 4.97 9.71 18.17
C LYS B 264 4.55 8.26 18.41
N ILE B 265 3.29 7.91 18.15
CA ILE B 265 2.71 6.58 18.40
C ILE B 265 2.05 6.02 17.14
N GLY B 266 2.48 4.84 16.69
CA GLY B 266 1.90 4.13 15.54
C GLY B 266 2.07 4.87 14.21
N SER B 267 3.20 4.72 13.55
CA SER B 267 3.47 5.36 12.26
C SER B 267 4.10 4.45 11.21
N LEU B 268 3.84 4.74 9.94
CA LEU B 268 4.49 4.11 8.78
C LEU B 268 4.87 5.23 7.79
N ASP B 269 5.93 5.96 8.13
CA ASP B 269 6.31 7.21 7.48
C ASP B 269 7.59 7.06 6.62
N ASN B 270 7.61 7.57 5.38
CA ASN B 270 8.74 7.52 4.44
C ASN B 270 9.30 8.91 4.10
N ILE B 271 10.61 9.11 4.14
CA ILE B 271 11.24 10.42 3.86
C ILE B 271 12.33 10.24 2.81
N THR B 272 12.35 11.08 1.77
CA THR B 272 13.49 11.25 0.86
C THR B 272 13.99 12.68 0.98
N HIS B 273 15.23 12.88 1.43
CA HIS B 273 15.81 14.20 1.68
C HIS B 273 17.12 14.39 0.94
N VAL B 274 17.18 15.32 0.00
CA VAL B 274 18.34 15.50 -0.90
C VAL B 274 18.70 16.99 -1.01
N PRO B 275 19.29 17.60 0.03
CA PRO B 275 19.71 19.00 -0.04
C PRO B 275 20.94 19.17 -0.94
N GLY B 276 21.00 20.25 -1.72
CA GLY B 276 22.17 20.56 -2.55
C GLY B 276 23.41 20.95 -1.73
N GLY B 277 23.20 21.49 -0.53
CA GLY B 277 24.23 21.82 0.44
C GLY B 277 24.09 20.98 1.70
N GLY B 278 23.11 21.32 2.53
CA GLY B 278 22.77 20.55 3.73
C GLY B 278 23.71 20.72 4.92
N ASN B 279 24.55 21.74 4.92
CA ASN B 279 25.46 22.06 6.02
C ASN B 279 24.74 22.70 7.23
N LYS B 280 25.25 22.43 8.42
CA LYS B 280 24.68 22.87 9.71
C LYS B 280 25.77 23.51 10.56
N LYS B 281 25.47 24.63 11.23
CA LYS B 281 26.29 25.24 12.28
C LYS B 281 25.40 25.64 13.45
N ILE B 282 25.75 25.24 14.67
CA ILE B 282 24.97 25.52 15.88
C ILE B 282 25.89 26.14 16.92
N GLU B 283 25.48 27.25 17.51
CA GLU B 283 26.21 28.00 18.54
C GLU B 283 25.32 28.33 19.73
N THR B 284 25.89 28.42 20.93
CA THR B 284 25.16 28.81 22.15
C THR B 284 26.11 29.47 23.13
N HIS B 285 25.80 30.70 23.53
CA HIS B 285 26.56 31.52 24.47
C HIS B 285 25.72 31.83 25.71
N LYS B 286 26.23 31.51 26.90
CA LYS B 286 25.49 31.64 28.16
C LYS B 286 26.38 32.20 29.27
N LEU B 287 25.89 33.21 29.99
CA LEU B 287 26.55 33.79 31.16
C LEU B 287 25.54 33.94 32.30
N THR B 288 25.86 33.52 33.52
CA THR B 288 24.92 33.53 34.67
C THR B 288 25.60 33.98 35.97
N PHE B 289 24.90 34.79 36.77
CA PHE B 289 25.33 35.23 38.11
C PHE B 289 24.38 34.72 39.20
N GLN C 218 -20.01 -55.40 -30.26
CA GLN C 218 -20.94 -54.85 -29.29
C GLN C 218 -20.22 -54.21 -28.09
N ILE C 219 -20.60 -52.98 -27.74
CA ILE C 219 -20.10 -52.27 -26.55
C ILE C 219 -21.29 -51.71 -25.76
N VAL C 220 -21.29 -51.94 -24.43
CA VAL C 220 -22.34 -51.49 -23.50
C VAL C 220 -21.74 -50.62 -22.39
N TYR C 221 -21.54 -49.34 -22.69
CA TYR C 221 -20.94 -48.37 -21.77
C TYR C 221 -22.04 -47.79 -20.86
N LYS C 222 -22.17 -48.32 -19.65
CA LYS C 222 -23.32 -48.10 -18.75
C LYS C 222 -22.92 -47.93 -17.26
N PRO C 223 -22.02 -46.99 -16.91
CA PRO C 223 -21.73 -46.67 -15.51
C PRO C 223 -22.94 -46.06 -14.80
N VAL C 224 -23.03 -46.24 -13.47
CA VAL C 224 -24.11 -45.70 -12.63
C VAL C 224 -23.52 -44.92 -11.44
N ASP C 225 -24.00 -43.72 -11.17
CA ASP C 225 -23.56 -42.88 -10.03
C ASP C 225 -24.73 -42.53 -9.09
N LEU C 226 -24.57 -42.86 -7.81
CA LEU C 226 -25.53 -42.71 -6.71
C LEU C 226 -24.95 -41.88 -5.55
N SER C 227 -23.76 -41.29 -5.74
CA SER C 227 -22.95 -40.64 -4.69
C SER C 227 -23.56 -39.38 -4.08
N LYS C 228 -23.09 -38.99 -2.89
CA LYS C 228 -23.50 -37.78 -2.17
C LYS C 228 -22.24 -36.97 -1.83
N VAL C 229 -22.29 -35.65 -1.95
CA VAL C 229 -21.31 -34.72 -1.34
C VAL C 229 -22.10 -33.72 -0.50
N THR C 230 -21.80 -33.58 0.79
CA THR C 230 -22.66 -32.88 1.76
C THR C 230 -21.86 -32.12 2.81
N SER C 231 -22.44 -31.05 3.36
CA SER C 231 -21.89 -30.31 4.51
C SER C 231 -23.00 -29.75 5.38
N LYS C 232 -22.72 -29.62 6.68
CA LYS C 232 -23.51 -28.84 7.64
C LYS C 232 -22.56 -27.92 8.40
N CYS C 233 -22.91 -26.65 8.59
CA CYS C 233 -22.12 -25.69 9.35
C CYS C 233 -23.05 -24.86 10.27
N GLY C 234 -22.74 -24.80 11.57
CA GLY C 234 -23.64 -24.19 12.56
C GLY C 234 -23.68 -22.66 12.55
N SER C 235 -22.54 -22.03 12.28
CA SER C 235 -22.36 -20.60 12.10
C SER C 235 -20.98 -20.33 11.49
N LEU C 236 -20.86 -19.43 10.53
CA LEU C 236 -19.62 -19.13 9.82
C LEU C 236 -19.40 -17.61 9.75
N GLY C 237 -18.33 -17.11 10.35
CA GLY C 237 -18.10 -15.67 10.41
C GLY C 237 -16.98 -15.21 11.32
N ASN C 238 -16.92 -13.90 11.57
CA ASN C 238 -15.82 -13.22 12.28
C ASN C 238 -14.47 -13.44 11.59
N ILE C 239 -14.41 -13.09 10.31
CA ILE C 239 -13.26 -13.27 9.43
C ILE C 239 -12.71 -11.90 9.02
N HIS C 240 -11.42 -11.68 9.25
CA HIS C 240 -10.73 -10.42 8.95
C HIS C 240 -9.58 -10.67 8.00
N HIS C 241 -9.56 -10.03 6.83
CA HIS C 241 -8.45 -10.09 5.89
C HIS C 241 -7.91 -8.67 5.67
N LYS C 242 -6.67 -8.42 6.09
CA LYS C 242 -6.08 -7.08 6.22
C LYS C 242 -4.66 -7.03 5.65
N PRO C 243 -4.48 -7.01 4.32
CA PRO C 243 -3.15 -6.93 3.67
C PRO C 243 -2.45 -5.57 3.79
N GLY C 244 -1.12 -5.58 3.94
CA GLY C 244 -0.31 -4.38 4.18
C GLY C 244 0.40 -3.80 2.96
N GLY C 245 -0.27 -3.73 1.81
CA GLY C 245 0.30 -3.16 0.58
C GLY C 245 1.38 -4.03 -0.05
N GLY C 246 2.43 -3.41 -0.59
CA GLY C 246 3.54 -4.09 -1.27
C GLY C 246 3.91 -3.47 -2.60
N GLN C 247 4.93 -4.01 -3.27
CA GLN C 247 5.42 -3.47 -4.54
C GLN C 247 5.89 -4.56 -5.53
N VAL C 248 5.55 -4.41 -6.81
CA VAL C 248 5.88 -5.35 -7.90
C VAL C 248 6.43 -4.62 -9.13
N GLU C 249 7.49 -5.13 -9.73
CA GLU C 249 8.05 -4.62 -10.98
C GLU C 249 8.41 -5.76 -11.95
N VAL C 250 8.04 -5.63 -13.23
CA VAL C 250 8.36 -6.62 -14.28
C VAL C 250 8.86 -5.93 -15.54
N LYS C 251 9.91 -6.47 -16.17
CA LYS C 251 10.53 -5.95 -17.40
C LYS C 251 10.67 -7.08 -18.43
N SER C 252 10.33 -6.80 -19.69
CA SER C 252 10.43 -7.74 -20.82
C SER C 252 10.85 -7.00 -22.10
N GLU C 253 11.46 -7.70 -23.06
CA GLU C 253 11.61 -7.14 -24.40
C GLU C 253 10.39 -7.51 -25.27
N LYS C 254 10.07 -8.80 -25.38
CA LYS C 254 9.03 -9.31 -26.29
C LYS C 254 8.23 -10.43 -25.63
N LEU C 255 6.92 -10.46 -25.85
CA LEU C 255 6.06 -11.60 -25.53
C LEU C 255 5.33 -12.08 -26.78
N ASP C 256 5.31 -13.40 -26.99
CA ASP C 256 4.82 -14.05 -28.21
C ASP C 256 4.09 -15.34 -27.84
N PHE C 257 2.76 -15.29 -27.74
CA PHE C 257 1.91 -16.36 -27.23
C PHE C 257 1.03 -16.96 -28.34
N LYS C 258 1.02 -18.29 -28.48
CA LYS C 258 0.22 -19.03 -29.46
C LYS C 258 -0.54 -20.18 -28.83
N ASP C 259 -1.75 -20.46 -29.29
CA ASP C 259 -2.46 -21.73 -29.11
C ASP C 259 -2.66 -22.17 -27.64
N ARG C 260 -3.77 -21.76 -27.03
CA ARG C 260 -4.18 -22.16 -25.65
C ARG C 260 -3.16 -21.77 -24.58
N VAL C 261 -2.87 -20.47 -24.48
CA VAL C 261 -2.03 -19.88 -23.42
C VAL C 261 -2.90 -19.16 -22.40
N GLN C 262 -2.71 -19.45 -21.11
CA GLN C 262 -3.25 -18.66 -20.01
C GLN C 262 -2.09 -18.02 -19.23
N SER C 263 -2.02 -16.70 -19.19
CA SER C 263 -0.87 -15.95 -18.66
C SER C 263 -1.26 -14.80 -17.72
N LYS C 264 -0.48 -14.59 -16.66
CA LYS C 264 -0.64 -13.51 -15.68
C LYS C 264 0.73 -12.89 -15.37
N ILE C 265 0.92 -11.60 -15.66
CA ILE C 265 2.21 -10.89 -15.52
C ILE C 265 2.05 -9.63 -14.68
N GLY C 266 2.81 -9.50 -13.59
CA GLY C 266 2.83 -8.31 -12.74
C GLY C 266 1.49 -8.03 -12.05
N SER C 267 1.23 -8.67 -10.92
CA SER C 267 -0.03 -8.49 -10.18
C SER C 267 0.16 -8.31 -8.68
N LEU C 268 -0.78 -7.61 -8.04
CA LEU C 268 -0.87 -7.46 -6.58
C LEU C 268 -2.36 -7.61 -6.20
N ASP C 269 -2.84 -8.85 -6.25
CA ASP C 269 -4.27 -9.18 -6.18
C ASP C 269 -4.64 -9.82 -4.82
N ASN C 270 -5.72 -9.38 -4.17
CA ASN C 270 -6.22 -9.90 -2.89
C ASN C 270 -7.60 -10.56 -3.02
N ILE C 271 -7.81 -11.75 -2.47
CA ILE C 271 -9.09 -12.47 -2.54
C ILE C 271 -9.54 -12.88 -1.14
N THR C 272 -10.80 -12.62 -0.80
CA THR C 272 -11.48 -13.21 0.37
C THR C 272 -12.63 -14.06 -0.14
N HIS C 273 -12.61 -15.38 0.07
CA HIS C 273 -13.63 -16.30 -0.45
C HIS C 273 -14.23 -17.15 0.68
N VAL C 274 -15.51 -16.98 0.96
CA VAL C 274 -16.20 -17.56 2.12
C VAL C 274 -17.53 -18.18 1.70
N PRO C 275 -17.53 -19.31 0.99
CA PRO C 275 -18.75 -20.00 0.60
C PRO C 275 -19.42 -20.68 1.79
N GLY C 276 -20.74 -20.64 1.87
CA GLY C 276 -21.50 -21.36 2.89
C GLY C 276 -21.47 -22.88 2.73
N GLY C 277 -21.27 -23.38 1.50
CA GLY C 277 -21.05 -24.78 1.18
C GLY C 277 -19.68 -25.03 0.59
N GLY C 278 -19.48 -24.67 -0.68
CA GLY C 278 -18.17 -24.74 -1.34
C GLY C 278 -17.72 -26.15 -1.75
N ASN C 279 -18.64 -27.11 -1.81
CA ASN C 279 -18.39 -28.47 -2.28
C ASN C 279 -18.24 -28.54 -3.81
N LYS C 280 -17.41 -29.47 -4.27
CA LYS C 280 -17.10 -29.70 -5.68
C LYS C 280 -17.24 -31.17 -6.02
N LYS C 281 -17.82 -31.48 -7.18
CA LYS C 281 -17.83 -32.81 -7.79
C LYS C 281 -17.49 -32.69 -9.28
N ILE C 282 -16.52 -33.46 -9.75
CA ILE C 282 -16.07 -33.43 -11.15
C ILE C 282 -16.09 -34.85 -11.69
N GLU C 283 -16.69 -35.03 -12.86
CA GLU C 283 -16.84 -36.31 -13.56
C GLU C 283 -16.45 -36.19 -15.03
N THR C 284 -15.95 -37.26 -15.65
CA THR C 284 -15.57 -37.26 -17.07
C THR C 284 -15.67 -38.67 -17.64
N HIS C 285 -16.47 -38.84 -18.68
CA HIS C 285 -16.72 -40.12 -19.37
C HIS C 285 -16.26 -40.04 -20.82
N LYS C 286 -15.40 -40.98 -21.24
CA LYS C 286 -14.80 -40.98 -22.58
C LYS C 286 -14.78 -42.39 -23.17
N LEU C 287 -15.22 -42.53 -24.42
CA LEU C 287 -15.11 -43.77 -25.21
C LEU C 287 -14.59 -43.43 -26.61
N THR C 288 -13.59 -44.16 -27.13
CA THR C 288 -12.97 -43.87 -28.43
C THR C 288 -12.65 -45.13 -29.23
N PHE C 289 -12.84 -45.07 -30.55
CA PHE C 289 -12.51 -46.13 -31.52
C PHE C 289 -11.45 -45.67 -32.52
N GLN D 218 30.09 45.46 36.87
CA GLN D 218 30.13 45.80 35.45
C GLN D 218 30.22 44.55 34.57
N ILE D 219 29.34 44.44 33.56
CA ILE D 219 29.33 43.34 32.60
C ILE D 219 29.33 43.91 31.17
N VAL D 220 30.23 43.38 30.33
CA VAL D 220 30.39 43.76 28.92
C VAL D 220 30.23 42.52 28.04
N TYR D 221 28.98 42.19 27.72
CA TYR D 221 28.61 41.06 26.88
C TYR D 221 28.66 41.48 25.40
N LYS D 222 29.75 41.15 24.70
CA LYS D 222 30.04 41.67 23.35
C LYS D 222 30.63 40.59 22.41
N PRO D 223 29.97 39.44 22.21
CA PRO D 223 30.40 38.45 21.24
C PRO D 223 30.38 39.02 19.80
N VAL D 224 31.27 38.54 18.93
CA VAL D 224 31.33 38.94 17.51
C VAL D 224 31.30 37.72 16.59
N ASP D 225 30.44 37.73 15.56
CA ASP D 225 30.34 36.66 14.57
C ASP D 225 30.53 37.19 13.14
N LEU D 226 31.46 36.59 12.41
CA LEU D 226 31.87 36.88 11.03
C LEU D 226 31.80 35.62 10.14
N SER D 227 31.24 34.52 10.66
CA SER D 227 31.24 33.19 10.05
C SER D 227 30.45 33.09 8.73
N LYS D 228 30.73 32.04 7.94
CA LYS D 228 30.07 31.76 6.66
C LYS D 228 29.57 30.30 6.62
N VAL D 229 28.38 30.08 6.06
CA VAL D 229 27.88 28.74 5.69
C VAL D 229 27.47 28.75 4.22
N THR D 230 28.05 27.88 3.39
CA THR D 230 28.01 28.04 1.92
C THR D 230 27.85 26.70 1.21
N SER D 231 27.26 26.68 0.01
CA SER D 231 27.31 25.52 -0.88
C SER D 231 27.26 25.90 -2.36
N LYS D 232 27.86 25.05 -3.19
CA LYS D 232 27.69 25.06 -4.65
C LYS D 232 27.31 23.65 -5.10
N CYS D 233 26.30 23.52 -5.95
CA CYS D 233 25.87 22.26 -6.54
C CYS D 233 25.66 22.43 -8.05
N GLY D 234 26.30 21.61 -8.88
CA GLY D 234 26.34 21.83 -10.33
C GLY D 234 25.02 21.49 -11.05
N SER D 235 24.32 20.48 -10.58
CA SER D 235 23.01 20.03 -11.07
C SER D 235 22.37 19.11 -10.05
N LEU D 236 21.08 19.27 -9.79
CA LEU D 236 20.34 18.51 -8.76
C LEU D 236 19.03 17.97 -9.35
N GLY D 237 18.87 16.65 -9.40
CA GLY D 237 17.68 16.06 -10.04
C GLY D 237 17.72 14.57 -10.31
N ASN D 238 16.76 14.07 -11.09
CA ASN D 238 16.53 12.64 -11.34
C ASN D 238 16.33 11.84 -10.05
N ILE D 239 15.35 12.27 -9.25
CA ILE D 239 15.00 11.69 -7.94
C ILE D 239 13.61 11.07 -8.00
N HIS D 240 13.46 9.81 -7.62
CA HIS D 240 12.21 9.06 -7.66
C HIS D 240 11.84 8.54 -6.27
N HIS D 241 10.70 8.93 -5.72
CA HIS D 241 10.19 8.41 -4.46
C HIS D 241 8.84 7.72 -4.67
N LYS D 242 8.78 6.41 -4.45
CA LYS D 242 7.68 5.53 -4.89
C LYS D 242 7.26 4.52 -3.79
N PRO D 243 6.51 4.94 -2.75
CA PRO D 243 6.03 4.04 -1.70
C PRO D 243 4.87 3.11 -2.08
N GLY D 244 4.89 1.87 -1.61
CA GLY D 244 3.92 0.81 -1.86
C GLY D 244 2.83 0.62 -0.80
N GLY D 245 2.21 1.71 -0.33
CA GLY D 245 1.08 1.65 0.59
C GLY D 245 1.46 1.26 2.02
N GLY D 246 0.63 0.45 2.68
CA GLY D 246 0.83 -0.03 4.05
C GLY D 246 -0.42 0.13 4.92
N GLN D 247 -0.35 -0.33 6.17
CA GLN D 247 -1.51 -0.28 7.06
C GLN D 247 -1.15 0.01 8.53
N VAL D 248 -1.94 0.87 9.18
CA VAL D 248 -1.70 1.32 10.57
C VAL D 248 -3.00 1.24 11.38
N GLU D 249 -2.93 0.71 12.61
CA GLU D 249 -4.05 0.68 13.55
C GLU D 249 -3.62 1.10 14.96
N VAL D 250 -4.40 1.96 15.62
CA VAL D 250 -4.15 2.41 17.00
C VAL D 250 -5.43 2.38 17.85
N LYS D 251 -5.34 1.88 19.08
CA LYS D 251 -6.46 1.80 20.03
C LYS D 251 -6.09 2.38 21.41
N SER D 252 -6.98 3.18 22.00
CA SER D 252 -6.87 3.82 23.33
C SER D 252 -8.22 3.87 24.05
N GLU D 253 -8.24 3.97 25.38
CA GLU D 253 -9.46 4.44 26.07
C GLU D 253 -9.41 5.96 26.22
N LYS D 254 -8.34 6.52 26.79
CA LYS D 254 -8.30 7.95 27.19
C LYS D 254 -6.97 8.63 26.85
N LEU D 255 -7.02 9.85 26.33
CA LEU D 255 -5.86 10.74 26.14
C LEU D 255 -6.02 12.02 26.95
N ASP D 256 -4.98 12.43 27.67
CA ASP D 256 -5.00 13.59 28.57
C ASP D 256 -3.68 14.37 28.51
N PHE D 257 -3.63 15.44 27.73
CA PHE D 257 -2.40 16.19 27.43
C PHE D 257 -2.44 17.61 28.02
N LYS D 258 -1.40 18.00 28.77
CA LYS D 258 -1.28 19.32 29.39
C LYS D 258 0.08 19.96 29.14
N ASP D 259 0.12 21.26 28.94
CA ASP D 259 1.31 22.10 29.08
C ASP D 259 2.49 21.72 28.14
N ARG D 260 2.51 22.30 26.94
CA ARG D 260 3.58 22.11 25.94
C ARG D 260 3.74 20.64 25.52
N VAL D 261 2.68 20.06 24.98
CA VAL D 261 2.69 18.70 24.40
C VAL D 261 2.66 18.79 22.87
N GLN D 262 3.57 18.09 22.20
CA GLN D 262 3.52 17.88 20.75
C GLN D 262 3.32 16.38 20.48
N SER D 263 2.22 15.99 19.84
CA SER D 263 1.80 14.59 19.72
C SER D 263 1.39 14.22 18.29
N LYS D 264 1.76 13.02 17.86
CA LYS D 264 1.36 12.41 16.58
C LYS D 264 0.91 10.96 16.81
N ILE D 265 -0.34 10.63 16.49
CA ILE D 265 -0.92 9.30 16.72
C ILE D 265 -1.53 8.75 15.43
N GLY D 266 -1.10 7.57 14.97
CA GLY D 266 -1.65 6.91 13.80
C GLY D 266 -1.40 7.65 12.48
N SER D 267 -0.25 7.47 11.85
CA SER D 267 0.08 8.12 10.57
C SER D 267 0.66 7.20 9.51
N LEU D 268 0.46 7.57 8.25
CA LEU D 268 1.12 6.98 7.10
C LEU D 268 1.53 8.12 6.16
N ASP D 269 2.59 8.84 6.52
CA ASP D 269 2.99 10.10 5.88
C ASP D 269 4.25 9.96 5.00
N ASN D 270 4.23 10.48 3.76
CA ASN D 270 5.34 10.43 2.81
C ASN D 270 5.88 11.83 2.47
N ILE D 271 7.19 12.04 2.52
CA ILE D 271 7.82 13.36 2.27
C ILE D 271 8.92 13.24 1.22
N THR D 272 8.92 14.12 0.23
CA THR D 272 10.07 14.34 -0.66
C THR D 272 10.56 15.77 -0.49
N HIS D 273 11.80 15.96 -0.05
CA HIS D 273 12.37 17.28 0.25
C HIS D 273 13.70 17.47 -0.48
N VAL D 274 13.76 18.44 -1.40
CA VAL D 274 14.91 18.63 -2.29
C VAL D 274 15.26 20.12 -2.38
N PRO D 275 15.81 20.74 -1.31
CA PRO D 275 16.19 22.15 -1.35
C PRO D 275 17.47 22.35 -2.16
N GLY D 276 17.54 23.44 -2.93
CA GLY D 276 18.74 23.77 -3.72
C GLY D 276 19.97 24.14 -2.86
N GLY D 277 19.75 24.65 -1.66
CA GLY D 277 20.77 24.90 -0.64
C GLY D 277 20.54 24.03 0.59
N GLY D 278 19.55 24.38 1.41
CA GLY D 278 19.17 23.59 2.58
C GLY D 278 20.14 23.72 3.76
N ASN D 279 21.00 24.73 3.76
CA ASN D 279 21.93 25.04 4.84
C ASN D 279 21.24 25.67 6.05
N LYS D 280 21.73 25.41 7.25
CA LYS D 280 21.13 25.86 8.53
C LYS D 280 22.19 26.49 9.42
N LYS D 281 21.84 27.61 10.07
CA LYS D 281 22.66 28.23 11.12
C LYS D 281 21.77 28.60 12.29
N ILE D 282 22.13 28.21 13.51
CA ILE D 282 21.34 28.46 14.72
C ILE D 282 22.25 29.10 15.77
N GLU D 283 21.79 30.20 16.36
CA GLU D 283 22.51 31.01 17.33
C GLU D 283 21.63 31.26 18.55
N THR D 284 22.21 31.39 19.73
CA THR D 284 21.49 31.63 20.98
C THR D 284 22.40 32.33 21.98
N HIS D 285 21.99 33.51 22.46
CA HIS D 285 22.70 34.34 23.43
C HIS D 285 21.85 34.54 24.68
N LYS D 286 22.37 34.23 25.86
CA LYS D 286 21.65 34.39 27.14
C LYS D 286 22.53 34.97 28.23
N LEU D 287 22.00 35.95 28.96
CA LEU D 287 22.61 36.53 30.17
C LEU D 287 21.58 36.56 31.30
N THR D 288 21.93 36.10 32.50
CA THR D 288 20.99 36.02 33.64
C THR D 288 21.62 36.44 34.97
N PHE D 289 20.84 37.16 35.79
CA PHE D 289 21.17 37.54 37.17
C PHE D 289 20.21 36.87 38.17
N GLN E 218 -22.15 -52.27 -32.90
CA GLN E 218 -23.18 -51.71 -32.02
C GLN E 218 -22.56 -51.05 -30.78
N ILE E 219 -22.94 -49.81 -30.48
CA ILE E 219 -22.50 -49.09 -29.29
C ILE E 219 -23.72 -48.57 -28.52
N VAL E 220 -23.77 -48.83 -27.21
CA VAL E 220 -24.85 -48.43 -26.30
C VAL E 220 -24.27 -47.56 -25.19
N TYR E 221 -24.12 -46.27 -25.45
CA TYR E 221 -23.57 -45.30 -24.51
C TYR E 221 -24.70 -44.73 -23.63
N LYS E 222 -24.86 -45.26 -22.41
CA LYS E 222 -26.03 -45.02 -21.55
C LYS E 222 -25.67 -44.86 -20.07
N PRO E 223 -24.76 -43.93 -19.70
CA PRO E 223 -24.46 -43.65 -18.29
C PRO E 223 -25.69 -43.09 -17.55
N VAL E 224 -25.79 -43.32 -16.24
CA VAL E 224 -26.87 -42.80 -15.37
C VAL E 224 -26.33 -42.05 -14.17
N ASP E 225 -26.83 -40.84 -13.91
CA ASP E 225 -26.45 -40.01 -12.76
C ASP E 225 -27.66 -39.65 -11.87
N LEU E 226 -27.56 -40.00 -10.59
CA LEU E 226 -28.54 -39.79 -9.52
C LEU E 226 -27.92 -39.04 -8.32
N SER E 227 -26.71 -38.51 -8.49
CA SER E 227 -25.91 -37.92 -7.40
C SER E 227 -26.48 -36.62 -6.80
N LYS E 228 -26.01 -36.26 -5.60
CA LYS E 228 -26.41 -35.04 -4.89
C LYS E 228 -25.18 -34.24 -4.46
N VAL E 229 -25.22 -32.91 -4.59
CA VAL E 229 -24.28 -31.99 -3.94
C VAL E 229 -25.10 -31.01 -3.10
N THR E 230 -24.85 -30.89 -1.80
CA THR E 230 -25.76 -30.20 -0.86
C THR E 230 -25.01 -29.47 0.25
N SER E 231 -25.58 -28.39 0.80
CA SER E 231 -25.06 -27.74 2.01
C SER E 231 -26.15 -27.07 2.83
N LYS E 232 -25.90 -26.98 4.14
CA LYS E 232 -26.65 -26.15 5.09
C LYS E 232 -25.68 -25.26 5.87
N CYS E 233 -26.00 -23.98 6.03
CA CYS E 233 -25.23 -23.05 6.83
C CYS E 233 -26.18 -22.23 7.73
N GLY E 234 -25.94 -22.17 9.03
CA GLY E 234 -26.89 -21.59 9.98
C GLY E 234 -26.94 -20.06 9.97
N SER E 235 -25.80 -19.41 9.77
CA SER E 235 -25.64 -17.96 9.62
C SER E 235 -24.27 -17.65 9.03
N LEU E 236 -24.19 -16.71 8.10
CA LEU E 236 -22.96 -16.42 7.35
C LEU E 236 -22.73 -14.89 7.35
N GLY E 237 -21.65 -14.41 7.95
CA GLY E 237 -21.46 -12.96 8.10
C GLY E 237 -20.35 -12.49 9.02
N ASN E 238 -20.31 -11.19 9.32
CA ASN E 238 -19.22 -10.53 10.06
C ASN E 238 -17.86 -10.74 9.38
N ILE E 239 -17.77 -10.38 8.10
CA ILE E 239 -16.60 -10.56 7.25
C ILE E 239 -16.04 -9.19 6.83
N HIS E 240 -14.76 -8.95 7.08
CA HIS E 240 -14.06 -7.69 6.80
C HIS E 240 -12.89 -7.90 5.87
N HIS E 241 -12.87 -7.26 4.71
CA HIS E 241 -11.73 -7.25 3.78
C HIS E 241 -11.22 -5.82 3.58
N LYS E 242 -10.00 -5.54 4.02
CA LYS E 242 -9.44 -4.18 4.16
C LYS E 242 -7.98 -4.09 3.67
N PRO E 243 -7.73 -4.06 2.35
CA PRO E 243 -6.37 -3.92 1.79
C PRO E 243 -5.75 -2.53 1.88
N GLY E 244 -4.44 -2.47 2.16
CA GLY E 244 -3.66 -1.25 2.33
C GLY E 244 -2.91 -0.75 1.09
N GLY E 245 -3.55 -0.72 -0.08
CA GLY E 245 -2.97 -0.17 -1.31
C GLY E 245 -1.90 -1.05 -1.93
N GLY E 246 -0.81 -0.43 -2.43
CA GLY E 246 0.29 -1.11 -3.10
C GLY E 246 0.67 -0.46 -4.43
N GLN E 247 1.71 -0.97 -5.09
CA GLN E 247 2.19 -0.41 -6.35
C GLN E 247 2.71 -1.46 -7.35
N VAL E 248 2.36 -1.31 -8.63
CA VAL E 248 2.71 -2.26 -9.71
C VAL E 248 3.24 -1.53 -10.94
N GLU E 249 4.34 -2.01 -11.53
CA GLU E 249 4.90 -1.47 -12.77
C GLU E 249 5.31 -2.57 -13.76
N VAL E 250 4.95 -2.42 -15.04
CA VAL E 250 5.31 -3.38 -16.10
C VAL E 250 5.83 -2.67 -17.36
N LYS E 251 6.91 -3.18 -17.97
CA LYS E 251 7.49 -2.65 -19.20
C LYS E 251 7.70 -3.74 -20.25
N SER E 252 7.37 -3.46 -21.51
CA SER E 252 7.51 -4.34 -22.68
C SER E 252 7.93 -3.52 -23.91
N GLU E 253 8.54 -4.12 -24.94
CA GLU E 253 8.57 -3.49 -26.27
C GLU E 253 7.38 -3.97 -27.11
N LYS E 254 7.16 -5.29 -27.23
CA LYS E 254 6.14 -5.84 -28.14
C LYS E 254 5.34 -6.99 -27.52
N LEU E 255 4.03 -7.01 -27.75
CA LEU E 255 3.14 -8.13 -27.43
C LEU E 255 2.50 -8.66 -28.72
N ASP E 256 2.49 -9.97 -28.89
CA ASP E 256 2.02 -10.64 -30.10
C ASP E 256 1.29 -11.94 -29.74
N PHE E 257 -0.04 -11.89 -29.64
CA PHE E 257 -0.87 -12.97 -29.13
C PHE E 257 -1.76 -13.57 -30.23
N LYS E 258 -1.75 -14.89 -30.41
CA LYS E 258 -2.53 -15.59 -31.44
C LYS E 258 -3.27 -16.80 -30.88
N ASP E 259 -4.48 -17.06 -31.36
CA ASP E 259 -5.18 -18.35 -31.22
C ASP E 259 -5.42 -18.82 -29.78
N ARG E 260 -6.55 -18.41 -29.18
CA ARG E 260 -6.97 -18.83 -27.82
C ARG E 260 -5.95 -18.45 -26.75
N VAL E 261 -5.66 -17.16 -26.64
CA VAL E 261 -4.82 -16.59 -25.58
C VAL E 261 -5.69 -15.88 -24.55
N GLN E 262 -5.51 -16.18 -23.28
CA GLN E 262 -6.09 -15.43 -22.17
C GLN E 262 -4.96 -14.77 -21.37
N SER E 263 -4.93 -13.44 -21.27
CA SER E 263 -3.80 -12.68 -20.73
C SER E 263 -4.23 -11.59 -19.75
N LYS E 264 -3.47 -11.41 -18.66
CA LYS E 264 -3.62 -10.33 -17.68
C LYS E 264 -2.26 -9.69 -17.40
N ILE E 265 -2.09 -8.39 -17.65
CA ILE E 265 -0.82 -7.67 -17.47
C ILE E 265 -1.01 -6.43 -16.61
N GLY E 266 -0.27 -6.30 -15.50
CA GLY E 266 -0.30 -5.12 -14.64
C GLY E 266 -1.64 -4.93 -13.92
N SER E 267 -1.86 -5.58 -12.78
CA SER E 267 -3.11 -5.42 -12.01
C SER E 267 -2.92 -5.22 -10.52
N LEU E 268 -3.88 -4.56 -9.90
CA LEU E 268 -4.02 -4.45 -8.45
C LEU E 268 -5.50 -4.65 -8.10
N ASP E 269 -5.97 -5.90 -8.15
CA ASP E 269 -7.39 -6.24 -8.09
C ASP E 269 -7.80 -6.88 -6.75
N ASN E 270 -8.88 -6.44 -6.13
CA ASN E 270 -9.41 -6.94 -4.85
C ASN E 270 -10.78 -7.61 -5.02
N ILE E 271 -10.99 -8.81 -4.47
CA ILE E 271 -12.26 -9.55 -4.59
C ILE E 271 -12.75 -9.98 -3.21
N THR E 272 -14.02 -9.74 -2.90
CA THR E 272 -14.71 -10.36 -1.76
C THR E 272 -15.86 -11.20 -2.31
N HIS E 273 -15.84 -12.52 -2.10
CA HIS E 273 -16.84 -13.45 -2.63
C HIS E 273 -17.45 -14.29 -1.51
N VAL E 274 -18.74 -14.15 -1.28
CA VAL E 274 -19.45 -14.76 -0.13
C VAL E 274 -20.78 -15.37 -0.59
N PRO E 275 -20.77 -16.48 -1.36
CA PRO E 275 -22.00 -17.14 -1.79
C PRO E 275 -22.65 -17.91 -0.64
N GLY E 276 -23.98 -17.88 -0.55
CA GLY E 276 -24.73 -18.61 0.46
C GLY E 276 -24.66 -20.14 0.31
N GLY E 277 -24.45 -20.63 -0.91
CA GLY E 277 -24.17 -22.03 -1.24
C GLY E 277 -22.79 -22.20 -1.84
N GLY E 278 -22.62 -21.82 -3.10
CA GLY E 278 -21.31 -21.85 -3.77
C GLY E 278 -20.82 -23.25 -4.19
N ASN E 279 -21.71 -24.23 -4.22
CA ASN E 279 -21.41 -25.60 -4.66
C ASN E 279 -21.28 -25.71 -6.18
N LYS E 280 -20.43 -26.62 -6.66
CA LYS E 280 -20.11 -26.81 -8.08
C LYS E 280 -20.23 -28.27 -8.48
N LYS E 281 -20.80 -28.56 -9.64
CA LYS E 281 -20.79 -29.89 -10.26
C LYS E 281 -20.47 -29.76 -11.75
N ILE E 282 -19.49 -30.52 -12.22
CA ILE E 282 -19.01 -30.48 -13.62
C ILE E 282 -19.04 -31.88 -14.18
N GLU E 283 -19.63 -32.02 -15.37
CA GLU E 283 -19.84 -33.29 -16.07
C GLU E 283 -19.34 -33.16 -17.51
N THR E 284 -18.86 -34.24 -18.11
CA THR E 284 -18.40 -34.24 -19.51
C THR E 284 -18.52 -35.65 -20.09
N HIS E 285 -19.25 -35.78 -21.20
CA HIS E 285 -19.47 -37.03 -21.93
C HIS E 285 -18.93 -36.91 -23.34
N LYS E 286 -18.07 -37.84 -23.76
CA LYS E 286 -17.48 -37.86 -25.11
C LYS E 286 -17.49 -39.26 -25.70
N LEU E 287 -17.89 -39.37 -26.97
CA LEU E 287 -17.78 -40.58 -27.80
C LEU E 287 -17.17 -40.21 -29.16
N THR E 288 -16.17 -40.95 -29.64
CA THR E 288 -15.45 -40.62 -30.89
C THR E 288 -15.09 -41.84 -31.73
N PHE E 289 -15.20 -41.70 -33.07
CA PHE E 289 -14.77 -42.68 -34.06
C PHE E 289 -13.65 -42.13 -34.95
N GLN F 218 -24.30 -49.01 -35.74
CA GLN F 218 -25.36 -48.57 -34.83
C GLN F 218 -24.79 -47.91 -33.57
N ILE F 219 -25.29 -46.71 -33.23
CA ILE F 219 -24.95 -45.97 -32.00
C ILE F 219 -26.24 -45.56 -31.31
N VAL F 220 -26.33 -45.81 -30.00
CA VAL F 220 -27.42 -45.38 -29.11
C VAL F 220 -26.83 -44.52 -28.00
N TYR F 221 -26.62 -43.23 -28.29
CA TYR F 221 -26.11 -42.25 -27.33
C TYR F 221 -27.27 -41.70 -26.51
N LYS F 222 -27.46 -42.19 -25.29
CA LYS F 222 -28.64 -41.89 -24.46
C LYS F 222 -28.31 -41.74 -22.96
N PRO F 223 -27.40 -40.83 -22.57
CA PRO F 223 -27.11 -40.57 -21.16
C PRO F 223 -28.36 -40.08 -20.40
N VAL F 224 -28.47 -40.37 -19.10
CA VAL F 224 -29.57 -39.92 -18.24
C VAL F 224 -29.02 -39.20 -17.00
N ASP F 225 -29.51 -38.00 -16.74
CA ASP F 225 -29.16 -37.19 -15.57
C ASP F 225 -30.42 -36.82 -14.77
N LEU F 226 -30.41 -37.16 -13.48
CA LEU F 226 -31.46 -36.90 -12.49
C LEU F 226 -30.88 -36.23 -11.23
N SER F 227 -29.63 -35.79 -11.28
CA SER F 227 -28.85 -35.23 -10.15
C SER F 227 -29.37 -33.87 -9.62
N LYS F 228 -28.96 -33.49 -8.40
CA LYS F 228 -29.33 -32.21 -7.75
C LYS F 228 -28.13 -31.44 -7.19
N VAL F 229 -28.16 -30.10 -7.29
CA VAL F 229 -27.25 -29.19 -6.59
C VAL F 229 -28.09 -28.19 -5.77
N THR F 230 -27.90 -28.11 -4.46
CA THR F 230 -28.85 -27.48 -3.53
C THR F 230 -28.14 -26.73 -2.40
N SER F 231 -28.74 -25.68 -1.84
CA SER F 231 -28.26 -25.05 -0.59
C SER F 231 -29.37 -24.43 0.25
N LYS F 232 -29.14 -24.37 1.57
CA LYS F 232 -29.86 -23.52 2.52
C LYS F 232 -28.89 -22.68 3.33
N CYS F 233 -29.20 -21.41 3.51
CA CYS F 233 -28.44 -20.47 4.34
C CYS F 233 -29.42 -19.67 5.21
N GLY F 234 -29.22 -19.64 6.53
CA GLY F 234 -30.20 -19.07 7.46
C GLY F 234 -30.26 -17.54 7.49
N SER F 235 -29.12 -16.89 7.31
CA SER F 235 -28.96 -15.43 7.21
C SER F 235 -27.61 -15.10 6.62
N LEU F 236 -27.54 -14.10 5.75
CA LEU F 236 -26.34 -13.72 5.00
C LEU F 236 -26.15 -12.19 5.04
N GLY F 237 -25.08 -11.68 5.63
CA GLY F 237 -24.88 -10.23 5.75
C GLY F 237 -23.76 -9.80 6.68
N ASN F 238 -23.69 -8.50 6.99
CA ASN F 238 -22.63 -7.85 7.76
C ASN F 238 -21.24 -8.07 7.12
N ILE F 239 -21.12 -7.69 5.85
CA ILE F 239 -19.91 -7.84 5.01
C ILE F 239 -19.36 -6.45 4.65
N HIS F 240 -18.09 -6.20 4.93
CA HIS F 240 -17.42 -4.92 4.67
C HIS F 240 -16.22 -5.12 3.76
N HIS F 241 -16.18 -4.45 2.61
CA HIS F 241 -15.03 -4.44 1.69
C HIS F 241 -14.56 -2.99 1.51
N LYS F 242 -13.34 -2.67 1.96
CA LYS F 242 -12.84 -1.28 2.06
C LYS F 242 -11.38 -1.13 1.59
N PRO F 243 -11.11 -1.11 0.28
CA PRO F 243 -9.74 -0.99 -0.25
C PRO F 243 -9.14 0.40 -0.10
N GLY F 244 -7.84 0.45 0.17
CA GLY F 244 -7.04 1.66 0.41
C GLY F 244 -6.27 2.17 -0.81
N GLY F 245 -6.89 2.22 -1.99
CA GLY F 245 -6.29 2.77 -3.21
C GLY F 245 -5.19 1.90 -3.80
N GLY F 246 -4.11 2.52 -4.29
CA GLY F 246 -2.99 1.86 -4.95
C GLY F 246 -2.57 2.53 -6.26
N GLN F 247 -1.54 2.04 -6.91
CA GLN F 247 -1.06 2.61 -8.18
C GLN F 247 -0.52 1.58 -9.18
N VAL F 248 -0.85 1.74 -10.45
CA VAL F 248 -0.45 0.82 -11.54
C VAL F 248 0.09 1.59 -12.75
N GLU F 249 1.19 1.14 -13.34
CA GLU F 249 1.77 1.69 -14.57
C GLU F 249 2.18 0.58 -15.56
N VAL F 250 1.86 0.74 -16.84
CA VAL F 250 2.26 -0.18 -17.91
C VAL F 250 2.77 0.59 -19.13
N LYS F 251 3.88 0.15 -19.74
CA LYS F 251 4.44 0.71 -20.98
C LYS F 251 4.69 -0.37 -22.05
N SER F 252 4.33 -0.09 -23.29
CA SER F 252 4.55 -0.92 -24.49
C SER F 252 4.83 -0.07 -25.73
N GLU F 253 5.51 -0.61 -26.74
CA GLU F 253 5.57 0.02 -28.08
C GLU F 253 4.47 -0.52 -29.00
N LYS F 254 4.26 -1.85 -29.07
CA LYS F 254 3.30 -2.46 -30.02
C LYS F 254 2.48 -3.61 -29.41
N LEU F 255 1.21 -3.67 -29.79
CA LEU F 255 0.26 -4.75 -29.49
C LEU F 255 -0.25 -5.35 -30.80
N ASP F 256 -0.31 -6.67 -30.92
CA ASP F 256 -0.85 -7.34 -32.11
C ASP F 256 -1.58 -8.64 -31.71
N PHE F 257 -2.90 -8.59 -31.60
CA PHE F 257 -3.72 -9.70 -31.11
C PHE F 257 -4.58 -10.27 -32.24
N LYS F 258 -4.56 -11.60 -32.45
CA LYS F 258 -5.33 -12.30 -33.50
C LYS F 258 -6.04 -13.54 -32.98
N ASP F 259 -7.24 -13.80 -33.48
CA ASP F 259 -7.96 -15.07 -33.34
C ASP F 259 -8.21 -15.51 -31.87
N ARG F 260 -9.33 -15.08 -31.29
CA ARG F 260 -9.78 -15.49 -29.94
C ARG F 260 -8.76 -15.14 -28.86
N VAL F 261 -8.45 -13.85 -28.74
CA VAL F 261 -7.63 -13.30 -27.65
C VAL F 261 -8.55 -12.60 -26.65
N GLN F 262 -8.41 -12.91 -25.37
CA GLN F 262 -9.01 -12.17 -24.26
C GLN F 262 -7.89 -11.54 -23.43
N SER F 263 -7.86 -10.20 -23.33
CA SER F 263 -6.74 -9.46 -22.76
C SER F 263 -7.20 -8.37 -21.77
N LYS F 264 -6.45 -8.17 -20.69
CA LYS F 264 -6.64 -7.12 -19.71
C LYS F 264 -5.29 -6.48 -19.38
N ILE F 265 -5.11 -5.19 -19.64
CA ILE F 265 -3.83 -4.48 -19.43
C ILE F 265 -4.04 -3.25 -18.54
N GLY F 266 -3.32 -3.15 -17.42
CA GLY F 266 -3.38 -2.01 -16.50
C GLY F 266 -4.72 -1.85 -15.79
N SER F 267 -4.96 -2.54 -14.67
CA SER F 267 -6.23 -2.44 -13.92
C SER F 267 -6.06 -2.23 -12.43
N LEU F 268 -7.05 -1.58 -11.81
CA LEU F 268 -7.21 -1.49 -10.36
C LEU F 268 -8.69 -1.73 -10.02
N ASP F 269 -9.12 -2.99 -10.01
CA ASP F 269 -10.53 -3.38 -9.95
C ASP F 269 -10.94 -3.98 -8.59
N ASN F 270 -12.07 -3.51 -8.04
CA ASN F 270 -12.64 -4.00 -6.79
C ASN F 270 -14.00 -4.68 -7.03
N ILE F 271 -14.21 -5.89 -6.50
CA ILE F 271 -15.45 -6.66 -6.66
C ILE F 271 -15.97 -7.11 -5.29
N THR F 272 -17.25 -6.90 -5.01
CA THR F 272 -17.97 -7.54 -3.92
C THR F 272 -19.09 -8.37 -4.51
N HIS F 273 -19.09 -9.68 -4.29
CA HIS F 273 -20.10 -10.60 -4.84
C HIS F 273 -20.71 -11.47 -3.74
N VAL F 274 -22.01 -11.33 -3.50
CA VAL F 274 -22.72 -11.96 -2.38
C VAL F 274 -24.04 -12.55 -2.86
N PRO F 275 -24.03 -13.63 -3.67
CA PRO F 275 -25.25 -14.28 -4.12
C PRO F 275 -25.88 -15.12 -3.00
N GLY F 276 -27.21 -15.13 -2.92
CA GLY F 276 -27.94 -15.92 -1.93
C GLY F 276 -27.82 -17.44 -2.15
N GLY F 277 -27.58 -17.87 -3.39
CA GLY F 277 -27.28 -19.25 -3.76
C GLY F 277 -25.87 -19.39 -4.30
N GLY F 278 -25.65 -18.99 -5.55
CA GLY F 278 -24.33 -19.01 -6.18
C GLY F 278 -23.83 -20.40 -6.59
N ASN F 279 -24.72 -21.39 -6.63
CA ASN F 279 -24.43 -22.75 -7.07
C ASN F 279 -24.29 -22.83 -8.60
N LYS F 280 -23.44 -23.74 -9.08
CA LYS F 280 -23.13 -23.92 -10.51
C LYS F 280 -23.22 -25.39 -10.91
N LYS F 281 -23.78 -25.64 -12.09
CA LYS F 281 -23.82 -26.95 -12.75
C LYS F 281 -23.41 -26.77 -14.21
N ILE F 282 -22.44 -27.54 -14.68
CA ILE F 282 -21.89 -27.45 -16.04
C ILE F 282 -21.91 -28.83 -16.69
N GLU F 283 -22.42 -28.90 -17.90
CA GLU F 283 -22.66 -30.12 -18.68
C GLU F 283 -22.05 -29.98 -20.07
N THR F 284 -21.59 -31.09 -20.67
CA THR F 284 -21.07 -31.12 -22.05
C THR F 284 -21.24 -32.51 -22.61
N HIS F 285 -21.95 -32.63 -23.74
CA HIS F 285 -22.16 -33.86 -24.50
C HIS F 285 -21.55 -33.73 -25.88
N LYS F 286 -20.70 -34.66 -26.29
CA LYS F 286 -20.08 -34.66 -27.63
C LYS F 286 -20.04 -36.05 -28.26
N LEU F 287 -20.38 -36.11 -29.54
CA LEU F 287 -20.30 -37.29 -30.41
C LEU F 287 -19.65 -36.89 -31.74
N THR F 288 -18.63 -37.62 -32.19
CA THR F 288 -17.81 -37.26 -33.36
C THR F 288 -17.48 -38.49 -34.22
N PHE F 289 -17.47 -38.32 -35.55
CA PHE F 289 -17.05 -39.33 -36.53
C PHE F 289 -15.81 -38.86 -37.32
#